data_9B21
#
_entry.id   9B21
#
_cell.length_a   57.365
_cell.length_b   78.788
_cell.length_c   91.564
_cell.angle_alpha   90.00
_cell.angle_beta   90.00
_cell.angle_gamma   90.00
#
_symmetry.space_group_name_H-M   'P 21 21 21'
#
loop_
_entity.id
_entity.type
_entity.pdbx_description
1 polymer 'ADP-ribose pyrophosphatase'
2 non-polymer '[(2R,3S,4R,5R)-5-(6-AMINOPURIN-9-YL)-3,4-DIHYDROXY-OXOLAN-2-YL]METHYL [HYDROXY-[[(2R,3S,4R,5S)-3,4,5-TRIHYDROXYOXOLAN-2-YL]METHOXY]PHOSPHORYL] HYDROGEN PHOSPHATE'
3 non-polymer 'MAGNESIUM ION'
4 water water
#
_entity_poly.entity_id   1
_entity_poly.type   'polypeptide(L)'
_entity_poly.pdbx_seq_one_letter_code
;MAHHHHHHMSKPTQQGITFSKNDVEIIARETLYRGFFSLDLYRFRHRLFNGGMSGEITREIFERGHAAVLLPFDPVRDEV
VLVEQIRIAAYDTSESPWLLEMVAGMIEAGETVEDVARREALEEAGLEVGRTKPILSYLASPGGTSERLSILVGEVDAST
AKGIHGLAEENEDIRVHVVSREQAYQWVEEGKIDNAASVIALQWLQLHYHNLRNEWTK
;
_entity_poly.pdbx_strand_id   A,B
#
loop_
_chem_comp.id
_chem_comp.type
_chem_comp.name
_chem_comp.formula
AR6 non-polymer '[(2R,3S,4R,5R)-5-(6-AMINOPURIN-9-YL)-3,4-DIHYDROXY-OXOLAN-2-YL]METHYL [HYDROXY-[[(2R,3S,4R,5S)-3,4,5-TRIHYDROXYOXOLAN-2-YL]METHOXY]PHOSPHORYL] HYDROGEN PHOSPHATE' 'C15 H23 N5 O14 P2'
MG non-polymer 'MAGNESIUM ION' 'Mg 2'
#
# COMPACT_ATOMS: atom_id res chain seq x y z
N GLN A 14 -17.45 0.56 -17.50
CA GLN A 14 -18.35 1.46 -16.79
C GLN A 14 -19.25 0.71 -15.81
N GLN A 15 -19.68 -0.50 -16.20
CA GLN A 15 -20.48 -1.33 -15.29
C GLN A 15 -19.78 -1.47 -13.93
N GLY A 16 -18.49 -1.77 -13.94
CA GLY A 16 -17.73 -1.94 -12.72
C GLY A 16 -17.53 -3.40 -12.33
N ILE A 17 -17.54 -3.70 -11.03
CA ILE A 17 -17.35 -5.08 -10.57
C ILE A 17 -18.61 -5.90 -10.83
N THR A 18 -18.40 -7.21 -10.89
CA THR A 18 -19.39 -8.15 -11.39
C THR A 18 -20.21 -8.80 -10.28
N PHE A 19 -19.61 -9.06 -9.12
CA PHE A 19 -20.21 -9.88 -8.09
C PHE A 19 -20.14 -9.15 -6.75
N SER A 20 -21.02 -9.57 -5.84
CA SER A 20 -21.22 -8.98 -4.53
C SER A 20 -21.01 -10.04 -3.45
N LYS A 21 -21.27 -9.65 -2.20
CA LYS A 21 -21.12 -10.59 -1.09
C LYS A 21 -22.11 -11.74 -1.15
N ASN A 22 -23.22 -11.58 -1.84
CA ASN A 22 -24.13 -12.71 -2.04
C ASN A 22 -23.53 -13.80 -2.90
N ASP A 23 -22.44 -13.52 -3.60
CA ASP A 23 -21.84 -14.43 -4.56
C ASP A 23 -20.66 -15.19 -4.00
N VAL A 24 -20.40 -15.04 -2.71
CA VAL A 24 -19.32 -15.75 -2.03
C VAL A 24 -19.88 -16.31 -0.74
N GLU A 25 -19.50 -17.54 -0.41
CA GLU A 25 -19.87 -18.20 0.83
C GLU A 25 -18.59 -18.43 1.61
N ILE A 26 -18.46 -17.79 2.76
CA ILE A 26 -17.33 -18.05 3.64
C ILE A 26 -17.74 -19.21 4.54
N ILE A 27 -17.08 -20.35 4.38
CA ILE A 27 -17.49 -21.56 5.07
C ILE A 27 -17.01 -21.54 6.52
N ALA A 28 -15.79 -21.04 6.76
CA ALA A 28 -15.23 -20.95 8.09
C ALA A 28 -13.95 -20.14 8.01
N ARG A 29 -13.58 -19.59 9.16
CA ARG A 29 -12.27 -19.01 9.35
C ARG A 29 -11.62 -19.75 10.50
N GLU A 30 -10.32 -19.99 10.38
CA GLU A 30 -9.56 -20.72 11.39
C GLU A 30 -8.37 -19.86 11.77
N THR A 31 -8.20 -19.58 13.06
CA THR A 31 -6.98 -18.89 13.48
C THR A 31 -5.86 -19.92 13.59
N LEU A 32 -4.86 -19.74 12.73
CA LEU A 32 -3.66 -20.58 12.64
C LEU A 32 -2.58 -20.15 13.63
N TYR A 33 -2.54 -18.85 13.95
CA TYR A 33 -1.58 -18.30 14.88
C TYR A 33 -2.23 -17.08 15.49
N ARG A 34 -2.09 -16.94 16.81
CA ARG A 34 -2.51 -15.73 17.50
C ARG A 34 -1.41 -15.30 18.45
N GLY A 35 -0.94 -14.07 18.29
CA GLY A 35 -0.06 -13.43 19.24
C GLY A 35 -0.46 -11.98 19.32
N PHE A 36 0.46 -11.07 19.00
CA PHE A 36 0.08 -9.68 18.90
C PHE A 36 -0.87 -9.47 17.72
N PHE A 37 -0.56 -10.10 16.60
CA PHE A 37 -1.42 -10.20 15.44
C PHE A 37 -1.91 -11.65 15.27
N SER A 38 -2.67 -11.89 14.19
CA SER A 38 -3.20 -13.21 13.89
C SER A 38 -2.97 -13.57 12.44
N LEU A 39 -2.89 -14.87 12.20
CA LEU A 39 -2.91 -15.41 10.84
C LEU A 39 -4.10 -16.34 10.77
N ASP A 40 -5.05 -16.02 9.90
CA ASP A 40 -6.31 -16.73 9.78
C ASP A 40 -6.34 -17.46 8.45
N LEU A 41 -7.01 -18.62 8.45
CA LEU A 41 -7.27 -19.36 7.23
C LEU A 41 -8.72 -19.14 6.86
N TYR A 42 -8.97 -18.45 5.76
CA TYR A 42 -10.32 -18.32 5.22
C TYR A 42 -10.61 -19.50 4.31
N ARG A 43 -11.76 -20.12 4.51
CA ARG A 43 -12.24 -21.21 3.67
CA ARG A 43 -12.24 -21.22 3.68
C ARG A 43 -13.54 -20.77 3.02
N PHE A 44 -13.58 -20.81 1.67
CA PHE A 44 -14.72 -20.17 0.99
C PHE A 44 -14.93 -20.75 -0.40
N ARG A 45 -16.13 -20.46 -0.94
CA ARG A 45 -16.51 -20.73 -2.32
C ARG A 45 -17.07 -19.45 -2.92
N HIS A 46 -16.94 -19.31 -4.24
CA HIS A 46 -17.38 -18.07 -4.85
C HIS A 46 -17.80 -18.27 -6.31
N ARG A 47 -18.66 -17.37 -6.79
CA ARG A 47 -19.08 -17.40 -8.18
C ARG A 47 -17.89 -17.23 -9.13
N LEU A 48 -17.99 -17.91 -10.25
CA LEU A 48 -17.06 -17.79 -11.36
C LEU A 48 -17.65 -16.95 -12.47
N PHE A 49 -16.77 -16.25 -13.20
CA PHE A 49 -17.21 -15.34 -14.24
C PHE A 49 -17.94 -16.07 -15.37
N ASN A 50 -17.44 -17.24 -15.75
CA ASN A 50 -18.03 -18.02 -16.84
C ASN A 50 -19.21 -18.85 -16.37
N GLY A 51 -19.60 -18.70 -15.12
CA GLY A 51 -20.77 -19.39 -14.61
C GLY A 51 -20.38 -20.45 -13.59
N GLY A 52 -21.29 -20.67 -12.64
CA GLY A 52 -21.09 -21.71 -11.66
C GLY A 52 -20.34 -21.22 -10.45
N MET A 53 -20.13 -22.15 -9.52
CA MET A 53 -19.49 -21.89 -8.25
C MET A 53 -18.13 -22.58 -8.21
N SER A 54 -17.15 -21.92 -7.60
CA SER A 54 -15.88 -22.58 -7.36
C SER A 54 -16.06 -23.73 -6.37
N GLY A 55 -15.06 -24.59 -6.28
CA GLY A 55 -14.94 -25.48 -5.16
C GLY A 55 -14.43 -24.73 -3.94
N GLU A 56 -14.15 -25.47 -2.89
CA GLU A 56 -13.66 -24.86 -1.66
C GLU A 56 -12.21 -24.40 -1.84
N ILE A 57 -11.97 -23.15 -1.49
CA ILE A 57 -10.68 -22.49 -1.62
C ILE A 57 -10.26 -22.04 -0.23
N THR A 58 -8.94 -22.10 0.04
CA THR A 58 -8.42 -21.60 1.30
C THR A 58 -7.33 -20.58 1.05
N ARG A 59 -7.34 -19.54 1.88
CA ARG A 59 -6.32 -18.49 1.81
C ARG A 59 -5.86 -18.15 3.22
N GLU A 60 -4.54 -17.95 3.37
CA GLU A 60 -3.95 -17.49 4.63
C GLU A 60 -3.94 -15.97 4.64
N ILE A 61 -4.53 -15.37 5.67
CA ILE A 61 -4.72 -13.93 5.72
C ILE A 61 -4.15 -13.36 7.02
N PHE A 62 -3.27 -12.39 6.89
CA PHE A 62 -2.70 -11.69 8.03
C PHE A 62 -3.71 -10.67 8.53
N GLU A 63 -4.09 -10.82 9.81
CA GLU A 63 -5.07 -9.98 10.48
C GLU A 63 -4.37 -9.14 11.55
N ARG A 64 -4.35 -7.83 11.34
CA ARG A 64 -3.70 -6.91 12.27
C ARG A 64 -4.55 -5.68 12.52
N GLY A 65 -5.85 -5.75 12.26
CA GLY A 65 -6.74 -4.62 12.38
C GLY A 65 -6.46 -3.60 11.29
N HIS A 66 -6.90 -2.36 11.55
CA HIS A 66 -6.92 -1.30 10.55
C HIS A 66 -6.39 -0.02 11.16
N ALA A 67 -6.01 0.89 10.30
CA ALA A 67 -5.21 2.03 10.72
C ALA A 67 -5.77 3.33 10.18
N ALA A 68 -5.43 4.40 10.88
CA ALA A 68 -5.66 5.76 10.46
C ALA A 68 -4.31 6.41 10.16
N VAL A 69 -4.26 7.20 9.11
CA VAL A 69 -3.04 7.84 8.64
C VAL A 69 -3.31 9.32 8.51
N LEU A 70 -2.36 10.17 8.93
CA LEU A 70 -2.52 11.62 8.84
CA LEU A 70 -2.51 11.62 8.86
C LEU A 70 -1.33 12.21 8.09
N LEU A 71 -1.61 12.85 6.97
CA LEU A 71 -0.64 13.68 6.27
C LEU A 71 -0.66 15.07 6.88
N PRO A 72 0.36 15.48 7.63
CA PRO A 72 0.36 16.82 8.21
C PRO A 72 0.90 17.83 7.20
N PHE A 73 0.01 18.70 6.73
CA PHE A 73 0.30 19.66 5.68
C PHE A 73 0.15 21.08 6.21
N ASP A 74 1.18 21.90 6.02
CA ASP A 74 1.10 23.31 6.38
C ASP A 74 0.77 24.08 5.12
N PRO A 75 -0.46 24.55 4.94
CA PRO A 75 -0.82 25.23 3.69
C PRO A 75 -0.24 26.63 3.57
N VAL A 76 0.10 27.28 4.68
CA VAL A 76 0.73 28.59 4.64
C VAL A 76 2.12 28.46 4.03
N ARG A 77 2.86 27.43 4.45
CA ARG A 77 4.26 27.28 4.11
C ARG A 77 4.51 26.29 2.99
N ASP A 78 3.49 25.56 2.56
CA ASP A 78 3.65 24.49 1.57
C ASP A 78 4.69 23.48 2.06
N GLU A 79 4.50 23.02 3.31
CA GLU A 79 5.43 22.10 3.94
C GLU A 79 4.68 20.90 4.47
N VAL A 80 5.39 19.78 4.56
CA VAL A 80 4.87 18.55 5.16
CA VAL A 80 4.84 18.58 5.20
C VAL A 80 5.74 18.18 6.36
N VAL A 81 5.11 17.59 7.36
CA VAL A 81 5.81 17.04 8.50
C VAL A 81 5.89 15.52 8.31
N LEU A 82 7.10 14.98 8.32
CA LEU A 82 7.35 13.55 8.25
C LEU A 82 7.80 13.07 9.62
N VAL A 83 7.54 11.79 9.92
CA VAL A 83 8.05 11.17 11.14
C VAL A 83 8.96 10.03 10.75
N GLU A 84 10.10 9.95 11.42
CA GLU A 84 11.09 8.90 11.17
C GLU A 84 11.07 7.91 12.33
N GLN A 85 10.99 6.62 12.01
CA GLN A 85 11.13 5.58 13.03
C GLN A 85 11.60 4.31 12.35
N ILE A 86 12.14 3.39 13.14
CA ILE A 86 12.60 2.13 12.57
C ILE A 86 11.40 1.24 12.32
N ARG A 87 11.43 0.58 11.16
CA ARG A 87 10.45 -0.43 10.77
C ARG A 87 11.25 -1.67 10.40
N ILE A 88 11.43 -2.60 11.35
CA ILE A 88 12.41 -3.65 11.10
C ILE A 88 12.02 -4.52 9.90
N ALA A 89 10.73 -4.60 9.56
CA ALA A 89 10.34 -5.40 8.39
C ALA A 89 10.92 -4.86 7.10
N ALA A 90 11.32 -3.59 7.08
CA ALA A 90 11.94 -3.01 5.88
C ALA A 90 13.36 -3.48 5.66
N TYR A 91 13.96 -4.10 6.67
CA TYR A 91 15.41 -4.36 6.69
C TYR A 91 15.87 -5.11 5.44
N ASP A 92 15.20 -6.20 5.10
CA ASP A 92 15.75 -7.09 4.08
C ASP A 92 15.70 -6.52 2.67
N THR A 93 14.90 -5.47 2.42
CA THR A 93 14.78 -4.94 1.07
C THR A 93 15.09 -3.45 0.99
N SER A 94 15.67 -2.87 2.04
CA SER A 94 15.90 -1.43 2.10
C SER A 94 17.33 -1.17 2.57
N GLU A 95 17.89 -0.03 2.17
CA GLU A 95 19.24 0.26 2.63
C GLU A 95 19.27 0.55 4.13
N SER A 96 18.18 1.11 4.66
CA SER A 96 18.02 1.31 6.08
C SER A 96 16.58 1.02 6.51
N PRO A 97 16.39 0.45 7.69
CA PRO A 97 15.03 0.22 8.20
C PRO A 97 14.40 1.44 8.84
N TRP A 98 15.12 2.54 9.01
CA TRP A 98 14.47 3.77 9.44
C TRP A 98 13.78 4.40 8.22
N LEU A 99 12.49 4.58 8.32
CA LEU A 99 11.69 5.12 7.23
C LEU A 99 11.14 6.48 7.58
N LEU A 100 10.94 7.30 6.56
CA LEU A 100 10.20 8.56 6.66
C LEU A 100 8.73 8.32 6.30
N GLU A 101 7.84 8.67 7.21
CA GLU A 101 6.46 8.20 7.15
C GLU A 101 5.47 9.29 7.55
N MET A 102 4.21 8.94 7.34
CA MET A 102 3.08 9.68 7.88
C MET A 102 2.81 9.28 9.31
N VAL A 103 2.22 10.21 10.05
CA VAL A 103 1.62 9.92 11.35
C VAL A 103 0.59 8.83 11.15
N ALA A 104 0.58 7.81 11.99
CA ALA A 104 -0.34 6.71 11.75
C ALA A 104 -0.45 5.86 13.00
N GLY A 105 -1.63 5.28 13.19
CA GLY A 105 -1.83 4.38 14.31
C GLY A 105 -3.00 3.45 14.10
N MET A 106 -3.00 2.37 14.85
CA MET A 106 -4.08 1.42 14.75
C MET A 106 -5.35 2.01 15.36
N ILE A 107 -6.49 1.61 14.80
CA ILE A 107 -7.80 2.08 15.23
C ILE A 107 -8.37 1.04 16.20
N GLU A 108 -8.56 1.43 17.46
CA GLU A 108 -9.19 0.57 18.45
C GLU A 108 -10.71 0.67 18.35
N ALA A 109 -11.39 -0.36 18.85
CA ALA A 109 -12.85 -0.40 18.76
C ALA A 109 -13.46 0.83 19.44
N GLY A 110 -14.50 1.38 18.82
CA GLY A 110 -15.14 2.58 19.32
C GLY A 110 -14.49 3.88 18.91
N GLU A 111 -13.38 3.83 18.16
CA GLU A 111 -12.66 5.03 17.76
C GLU A 111 -12.93 5.38 16.31
N THR A 112 -12.89 6.67 16.01
CA THR A 112 -13.00 7.13 14.63
C THR A 112 -11.62 7.33 14.04
N VAL A 113 -11.56 7.27 12.71
CA VAL A 113 -10.33 7.59 12.00
C VAL A 113 -9.84 8.97 12.41
N GLU A 114 -10.73 9.94 12.46
CA GLU A 114 -10.32 11.29 12.83
C GLU A 114 -9.78 11.34 14.25
N ASP A 115 -10.46 10.67 15.19
CA ASP A 115 -9.99 10.69 16.57
C ASP A 115 -8.59 10.11 16.67
N VAL A 116 -8.32 9.01 15.96
CA VAL A 116 -7.03 8.37 16.03
C VAL A 116 -5.96 9.25 15.39
N ALA A 117 -6.26 9.80 14.22
CA ALA A 117 -5.33 10.66 13.52
C ALA A 117 -4.90 11.85 14.38
N ARG A 118 -5.86 12.51 15.03
CA ARG A 118 -5.50 13.64 15.89
C ARG A 118 -4.68 13.20 17.11
N ARG A 119 -5.04 12.07 17.72
CA ARG A 119 -4.26 11.62 18.87
C ARG A 119 -2.83 11.30 18.46
N GLU A 120 -2.67 10.59 17.36
CA GLU A 120 -1.32 10.20 16.95
C GLU A 120 -0.50 11.40 16.49
N ALA A 121 -1.14 12.42 15.93
CA ALA A 121 -0.38 13.59 15.52
C ALA A 121 0.32 14.21 16.73
N LEU A 122 -0.35 14.23 17.88
CA LEU A 122 0.23 14.76 19.11
C LEU A 122 1.30 13.81 19.65
N GLU A 123 1.00 12.52 19.70
CA GLU A 123 1.90 11.56 20.32
C GLU A 123 3.17 11.41 19.52
N GLU A 124 3.06 11.41 18.19
CA GLU A 124 4.17 11.06 17.32
C GLU A 124 4.93 12.26 16.82
N ALA A 125 4.34 13.45 16.86
CA ALA A 125 4.94 14.64 16.26
C ALA A 125 4.71 15.91 17.08
N GLY A 126 4.00 15.83 18.19
CA GLY A 126 3.73 17.01 18.99
C GLY A 126 2.88 18.03 18.27
N LEU A 127 2.07 17.59 17.31
CA LEU A 127 1.33 18.50 16.44
C LEU A 127 -0.13 18.64 16.88
N GLU A 128 -0.56 19.90 17.04
CA GLU A 128 -1.99 20.23 17.08
C GLU A 128 -2.50 20.28 15.66
N VAL A 129 -3.68 19.73 15.42
CA VAL A 129 -4.24 19.65 14.08
C VAL A 129 -5.44 20.58 14.01
N GLY A 130 -5.53 21.35 12.93
CA GLY A 130 -6.69 22.18 12.70
C GLY A 130 -7.76 21.43 11.93
N ARG A 131 -8.07 21.88 10.71
CA ARG A 131 -9.03 21.15 9.88
C ARG A 131 -8.42 19.86 9.35
N THR A 132 -9.28 18.90 9.05
CA THR A 132 -8.90 17.69 8.33
C THR A 132 -9.83 17.50 7.15
N LYS A 133 -9.35 16.75 6.16
CA LYS A 133 -10.11 16.34 4.99
C LYS A 133 -9.73 14.90 4.68
N PRO A 134 -10.67 14.05 4.31
CA PRO A 134 -10.27 12.70 3.87
C PRO A 134 -9.54 12.75 2.54
N ILE A 135 -8.51 11.93 2.46
CA ILE A 135 -7.78 11.67 1.21
C ILE A 135 -8.42 10.45 0.56
N LEU A 136 -8.16 9.27 1.13
CA LEU A 136 -8.48 7.99 0.51
C LEU A 136 -8.40 6.93 1.58
N SER A 137 -9.13 5.83 1.38
CA SER A 137 -9.04 4.65 2.23
C SER A 137 -8.67 3.46 1.35
N TYR A 138 -7.61 2.76 1.70
CA TYR A 138 -7.10 1.71 0.81
C TYR A 138 -6.78 0.43 1.56
N LEU A 139 -6.80 -0.66 0.79
CA LEU A 139 -6.34 -1.97 1.25
C LEU A 139 -4.84 -2.10 0.97
N ALA A 140 -4.08 -2.38 2.01
CA ALA A 140 -2.62 -2.37 1.89
C ALA A 140 -2.11 -3.43 0.93
N SER A 141 -2.69 -4.61 0.98
CA SER A 141 -2.20 -5.72 0.16
C SER A 141 -3.19 -6.88 0.24
N PRO A 142 -4.32 -6.78 -0.45
CA PRO A 142 -5.47 -7.61 -0.09
C PRO A 142 -5.39 -9.05 -0.54
N GLY A 143 -4.35 -9.46 -1.25
CA GLY A 143 -4.15 -10.88 -1.48
C GLY A 143 -3.74 -11.66 -0.22
N GLY A 144 -3.16 -11.00 0.76
CA GLY A 144 -2.64 -11.70 1.93
C GLY A 144 -2.92 -11.04 3.27
N THR A 145 -3.48 -9.82 3.28
CA THR A 145 -3.82 -9.16 4.53
C THR A 145 -5.11 -8.36 4.37
N SER A 146 -5.90 -8.34 5.43
CA SER A 146 -7.16 -7.62 5.46
C SER A 146 -6.98 -6.12 5.75
N GLU A 147 -5.76 -5.69 6.05
CA GLU A 147 -5.56 -4.34 6.57
C GLU A 147 -6.07 -3.27 5.62
N ARG A 148 -6.91 -2.39 6.15
CA ARG A 148 -7.33 -1.15 5.51
C ARG A 148 -6.74 0.03 6.26
N LEU A 149 -6.30 1.03 5.51
CA LEU A 149 -5.76 2.27 6.07
C LEU A 149 -6.55 3.44 5.50
N SER A 150 -6.99 4.32 6.36
CA SER A 150 -7.78 5.47 5.96
C SER A 150 -6.95 6.72 6.21
N ILE A 151 -6.70 7.48 5.15
CA ILE A 151 -5.81 8.64 5.19
C ILE A 151 -6.63 9.91 5.26
N LEU A 152 -6.26 10.80 6.19
CA LEU A 152 -6.70 12.18 6.22
C LEU A 152 -5.51 13.10 5.94
N VAL A 153 -5.79 14.29 5.38
CA VAL A 153 -4.82 15.37 5.42
C VAL A 153 -5.22 16.31 6.55
N GLY A 154 -4.25 16.74 7.33
CA GLY A 154 -4.50 17.61 8.48
C GLY A 154 -3.71 18.90 8.41
N GLU A 155 -4.38 19.99 8.75
CA GLU A 155 -3.81 21.32 8.74
C GLU A 155 -2.90 21.49 9.95
N VAL A 156 -1.62 21.81 9.72
CA VAL A 156 -0.70 22.04 10.82
C VAL A 156 0.15 23.28 10.58
N ASP A 157 0.75 23.75 11.67
CA ASP A 157 1.79 24.78 11.64
C ASP A 157 3.13 24.06 11.71
N ALA A 158 3.80 23.94 10.57
CA ALA A 158 5.05 23.21 10.50
C ALA A 158 6.17 23.89 11.28
N SER A 159 6.03 25.16 11.64
CA SER A 159 7.06 25.81 12.44
C SER A 159 7.04 25.33 13.88
N THR A 160 5.99 24.61 14.29
CA THR A 160 5.93 24.05 15.63
C THR A 160 6.44 22.62 15.68
N ALA A 161 6.80 22.03 14.54
CA ALA A 161 7.12 20.62 14.44
C ALA A 161 8.62 20.39 14.63
N LYS A 162 8.99 19.75 15.74
CA LYS A 162 10.40 19.46 15.97
C LYS A 162 10.54 18.41 17.07
N GLY A 163 11.72 17.81 17.14
CA GLY A 163 12.10 17.05 18.30
C GLY A 163 11.82 15.57 18.15
N ILE A 164 11.94 14.92 19.31
CA ILE A 164 11.80 13.47 19.45
C ILE A 164 10.51 13.20 20.22
N HIS A 165 9.71 12.28 19.70
CA HIS A 165 8.41 11.95 20.25
C HIS A 165 8.25 10.45 20.24
N GLY A 166 6.99 10.01 20.32
CA GLY A 166 6.68 8.61 20.47
C GLY A 166 6.56 8.21 21.93
N LEU A 167 5.84 7.11 22.15
CA LEU A 167 5.65 6.53 23.48
C LEU A 167 6.80 5.60 23.81
N ALA A 168 7.65 6.00 24.77
CA ALA A 168 8.81 5.19 25.11
C ALA A 168 8.40 3.87 25.77
N GLU A 169 7.35 3.89 26.60
CA GLU A 169 6.90 2.66 27.22
C GLU A 169 6.43 1.64 26.20
N GLU A 170 6.14 2.07 24.96
CA GLU A 170 5.81 1.18 23.86
C GLU A 170 7.00 0.98 22.91
N ASN A 171 8.21 1.42 23.31
CA ASN A 171 9.41 1.30 22.49
C ASN A 171 9.22 2.00 21.14
N GLU A 172 8.53 3.13 21.18
CA GLU A 172 8.20 3.92 20.00
C GLU A 172 9.06 5.18 20.04
N ASP A 173 10.00 5.29 19.12
CA ASP A 173 11.03 6.33 19.13
C ASP A 173 10.96 7.03 17.78
N ILE A 174 10.53 8.30 17.79
CA ILE A 174 10.15 9.00 16.58
C ILE A 174 10.83 10.35 16.51
N ARG A 175 11.37 10.67 15.33
CA ARG A 175 11.98 11.97 15.08
C ARG A 175 11.17 12.72 14.03
N VAL A 176 10.92 14.00 14.28
CA VAL A 176 10.15 14.84 13.37
C VAL A 176 11.07 15.49 12.34
N HIS A 177 10.63 15.48 11.08
CA HIS A 177 11.28 16.20 10.00
C HIS A 177 10.28 17.11 9.31
N VAL A 178 10.72 18.31 8.99
CA VAL A 178 9.92 19.22 8.20
C VAL A 178 10.62 19.45 6.87
N VAL A 179 9.88 19.26 5.78
CA VAL A 179 10.43 19.50 4.44
C VAL A 179 9.35 20.17 3.60
N SER A 180 9.79 20.80 2.52
CA SER A 180 8.83 21.33 1.57
C SER A 180 8.04 20.20 0.92
N ARG A 181 6.82 20.53 0.52
CA ARG A 181 6.04 19.58 -0.25
C ARG A 181 6.84 19.08 -1.45
N GLU A 182 7.43 20.01 -2.21
CA GLU A 182 8.17 19.61 -3.42
C GLU A 182 9.30 18.64 -3.07
N GLN A 183 10.03 18.89 -1.98
CA GLN A 183 11.10 17.96 -1.58
C GLN A 183 10.54 16.61 -1.20
N ALA A 184 9.45 16.58 -0.45
CA ALA A 184 8.86 15.30 -0.06
C ALA A 184 8.45 14.49 -1.28
N TYR A 185 7.81 15.14 -2.25
CA TYR A 185 7.41 14.45 -3.46
C TYR A 185 8.63 14.01 -4.27
N GLN A 186 9.67 14.83 -4.36
CA GLN A 186 10.85 14.38 -5.07
C GLN A 186 11.45 13.18 -4.39
N TRP A 187 11.32 13.08 -3.07
CA TRP A 187 11.80 11.90 -2.38
C TRP A 187 10.95 10.66 -2.69
N VAL A 188 9.66 10.83 -2.95
CA VAL A 188 8.86 9.71 -3.45
C VAL A 188 9.39 9.27 -4.81
N GLU A 189 9.61 10.24 -5.70
CA GLU A 189 10.10 9.92 -7.04
C GLU A 189 11.44 9.22 -6.99
N GLU A 190 12.30 9.63 -6.05
CA GLU A 190 13.63 9.05 -5.91
C GLU A 190 13.66 7.74 -5.13
N GLY A 191 12.56 7.36 -4.50
CA GLY A 191 12.52 6.15 -3.69
C GLY A 191 13.00 6.32 -2.27
N LYS A 192 13.24 7.57 -1.83
CA LYS A 192 13.66 7.83 -0.47
C LYS A 192 12.50 7.78 0.50
N ILE A 193 11.28 8.02 0.01
CA ILE A 193 10.04 7.71 0.70
C ILE A 193 9.38 6.62 -0.12
N ASP A 194 9.19 5.44 0.46
CA ASP A 194 8.71 4.30 -0.31
C ASP A 194 7.85 3.37 0.52
N ASN A 195 7.11 3.90 1.49
CA ASN A 195 6.06 3.15 2.15
C ASN A 195 4.71 3.59 1.59
N ALA A 196 3.80 2.64 1.46
CA ALA A 196 2.54 2.88 0.71
C ALA A 196 1.78 4.11 1.21
N ALA A 197 1.63 4.24 2.53
CA ALA A 197 0.78 5.30 3.04
C ALA A 197 1.34 6.66 2.66
N SER A 198 2.67 6.81 2.77
CA SER A 198 3.32 8.08 2.42
C SER A 198 3.28 8.33 0.92
N VAL A 199 3.51 7.29 0.12
CA VAL A 199 3.45 7.45 -1.32
C VAL A 199 2.06 7.90 -1.75
N ILE A 200 1.03 7.22 -1.27
CA ILE A 200 -0.34 7.54 -1.65
C ILE A 200 -0.68 8.96 -1.19
N ALA A 201 -0.35 9.28 0.05
CA ALA A 201 -0.71 10.60 0.56
C ALA A 201 0.02 11.70 -0.18
N LEU A 202 1.32 11.51 -0.47
CA LEU A 202 2.07 12.56 -1.11
C LEU A 202 1.78 12.67 -2.61
N GLN A 203 1.42 11.57 -3.28
CA GLN A 203 0.94 11.69 -4.65
C GLN A 203 -0.38 12.43 -4.70
N TRP A 204 -1.27 12.13 -3.76
CA TRP A 204 -2.53 12.84 -3.67
C TRP A 204 -2.28 14.32 -3.44
N LEU A 205 -1.35 14.65 -2.55
CA LEU A 205 -1.04 16.06 -2.28
C LEU A 205 -0.51 16.73 -3.54
N GLN A 206 0.33 16.04 -4.28
CA GLN A 206 0.89 16.66 -5.47
C GLN A 206 -0.19 16.94 -6.50
N LEU A 207 -1.27 16.13 -6.49
CA LEU A 207 -2.41 16.32 -7.38
C LEU A 207 -3.42 17.34 -6.86
N HIS A 208 -3.40 17.68 -5.58
CA HIS A 208 -4.44 18.49 -4.99
C HIS A 208 -3.97 19.70 -4.22
N TYR A 209 -2.65 19.96 -4.11
CA TYR A 209 -2.19 20.97 -3.17
C TYR A 209 -2.66 22.37 -3.56
N HIS A 210 -2.78 22.69 -4.85
CA HIS A 210 -3.17 24.03 -5.23
CA HIS A 210 -3.15 24.04 -5.20
C HIS A 210 -4.54 24.37 -4.65
N ASN A 211 -5.51 23.48 -4.86
CA ASN A 211 -6.86 23.74 -4.33
C ASN A 211 -6.89 23.67 -2.81
N LEU A 212 -6.13 22.75 -2.21
CA LEU A 212 -6.10 22.64 -0.75
C LEU A 212 -5.50 23.89 -0.12
N ARG A 213 -4.40 24.42 -0.67
CA ARG A 213 -3.86 25.65 -0.09
C ARG A 213 -4.86 26.78 -0.21
N ASN A 214 -5.56 26.90 -1.34
CA ASN A 214 -6.56 27.95 -1.47
C ASN A 214 -7.68 27.75 -0.45
N GLU A 215 -8.10 26.51 -0.24
CA GLU A 215 -9.19 26.24 0.70
C GLU A 215 -8.82 26.60 2.13
N TRP A 216 -7.60 26.28 2.54
CA TRP A 216 -7.20 26.43 3.93
C TRP A 216 -6.54 27.76 4.28
N THR A 217 -6.21 28.62 3.32
CA THR A 217 -5.64 29.93 3.66
C THR A 217 -6.62 31.07 3.46
N LYS A 218 -7.84 30.79 3.01
CA LYS A 218 -8.85 31.84 2.86
C LYS A 218 -9.07 32.61 4.16
N GLY B 16 17.42 13.98 5.50
CA GLY B 16 16.99 12.59 5.36
C GLY B 16 17.02 11.83 6.66
N ILE B 17 17.02 10.50 6.58
CA ILE B 17 16.95 9.66 7.77
C ILE B 17 18.25 9.74 8.54
N THR B 18 18.24 9.19 9.75
CA THR B 18 19.24 9.50 10.77
C THR B 18 20.21 8.35 11.00
N PHE B 19 19.71 7.13 10.85
CA PHE B 19 20.43 5.93 11.23
C PHE B 19 20.42 4.96 10.07
N SER B 20 21.38 4.02 10.11
CA SER B 20 21.64 3.07 9.05
C SER B 20 21.63 1.65 9.63
N LYS B 21 21.91 0.67 8.77
CA LYS B 21 22.07 -0.71 9.26
C LYS B 21 23.22 -0.88 10.24
N ASN B 22 24.16 0.06 10.31
CA ASN B 22 25.19 0.01 11.36
C ASN B 22 24.63 0.29 12.75
N ASP B 23 23.39 0.74 12.83
CA ASP B 23 22.75 1.20 14.06
C ASP B 23 21.68 0.24 14.58
N VAL B 24 21.55 -0.93 13.99
CA VAL B 24 20.57 -1.92 14.43
C VAL B 24 21.22 -3.28 14.31
N GLU B 25 20.96 -4.15 15.29
CA GLU B 25 21.35 -5.56 15.25
C GLU B 25 20.13 -6.42 15.42
N ILE B 26 19.85 -7.26 14.43
CA ILE B 26 18.84 -8.31 14.54
C ILE B 26 19.51 -9.48 15.25
N ILE B 27 19.06 -9.78 16.46
CA ILE B 27 19.65 -10.82 17.28
CA ILE B 27 19.65 -10.82 17.28
C ILE B 27 19.24 -12.21 16.79
N ALA B 28 17.99 -12.34 16.35
CA ALA B 28 17.44 -13.63 15.96
C ALA B 28 16.11 -13.38 15.29
N ARG B 29 15.66 -14.35 14.52
CA ARG B 29 14.29 -14.37 14.02
C ARG B 29 13.71 -15.74 14.34
N GLU B 30 12.50 -15.76 14.87
CA GLU B 30 11.88 -17.01 15.27
C GLU B 30 10.64 -17.22 14.41
N THR B 31 10.54 -18.38 13.75
CA THR B 31 9.36 -18.67 12.93
C THR B 31 8.20 -18.97 13.87
N LEU B 32 7.22 -18.09 13.89
CA LEU B 32 6.00 -18.27 14.69
C LEU B 32 4.99 -19.16 14.00
N TYR B 33 4.93 -19.09 12.66
CA TYR B 33 4.01 -19.88 11.85
C TYR B 33 4.69 -20.11 10.51
N ARG B 34 4.63 -21.35 10.05
CA ARG B 34 5.15 -21.75 8.75
C ARG B 34 4.04 -22.48 8.00
N GLY B 35 3.52 -21.86 6.94
CA GLY B 35 2.53 -22.46 6.07
C GLY B 35 2.82 -22.05 4.64
N PHE B 36 1.78 -21.65 3.90
CA PHE B 36 2.03 -21.04 2.59
C PHE B 36 2.87 -19.78 2.74
N PHE B 37 2.54 -18.97 3.73
CA PHE B 37 3.31 -17.82 4.14
C PHE B 37 3.91 -18.11 5.52
N SER B 38 4.69 -17.16 6.03
CA SER B 38 5.30 -17.30 7.36
C SER B 38 5.04 -16.06 8.19
N LEU B 39 5.05 -16.24 9.51
CA LEU B 39 5.06 -15.15 10.46
C LEU B 39 6.30 -15.33 11.32
N ASP B 40 7.15 -14.31 11.38
CA ASP B 40 8.42 -14.38 12.07
C ASP B 40 8.43 -13.34 13.19
N LEU B 41 9.05 -13.69 14.30
CA LEU B 41 9.34 -12.77 15.37
C LEU B 41 10.77 -12.28 15.17
N TYR B 42 10.94 -10.98 14.85
CA TYR B 42 12.26 -10.37 14.82
C TYR B 42 12.62 -9.87 16.22
N ARG B 43 13.82 -10.23 16.69
CA ARG B 43 14.37 -9.76 17.95
CA ARG B 43 14.37 -9.76 17.95
C ARG B 43 15.55 -8.87 17.62
N PHE B 44 15.54 -7.63 18.10
CA PHE B 44 16.56 -6.69 17.65
C PHE B 44 16.76 -5.58 18.67
N ARG B 45 17.88 -4.88 18.52
CA ARG B 45 18.16 -3.67 19.30
C ARG B 45 18.55 -2.60 18.31
N HIS B 46 18.32 -1.34 18.69
CA HIS B 46 18.60 -0.26 17.75
C HIS B 46 18.91 1.01 18.51
N ARG B 47 19.67 1.88 17.84
CA ARG B 47 19.95 3.20 18.39
C ARG B 47 18.68 4.02 18.51
N LEU B 48 18.67 4.85 19.55
CA LEU B 48 17.58 5.76 19.87
C LEU B 48 17.98 7.17 19.47
N PHE B 49 16.97 7.97 19.12
CA PHE B 49 17.27 9.34 18.73
C PHE B 49 17.90 10.15 19.88
N ASN B 50 17.59 9.80 21.13
CA ASN B 50 18.15 10.55 22.25
C ASN B 50 19.61 10.20 22.52
N GLY B 51 20.18 9.25 21.76
CA GLY B 51 21.60 8.95 21.87
C GLY B 51 21.93 7.58 22.46
N GLY B 52 20.96 6.91 23.08
CA GLY B 52 21.21 5.61 23.69
C GLY B 52 20.91 4.46 22.76
N MET B 53 20.90 3.27 23.35
CA MET B 53 20.52 2.03 22.69
C MET B 53 19.23 1.51 23.31
N SER B 54 18.30 1.02 22.47
CA SER B 54 17.14 0.31 23.00
C SER B 54 17.56 -0.98 23.72
N GLY B 55 16.63 -1.52 24.49
CA GLY B 55 16.73 -2.90 24.95
C GLY B 55 16.35 -3.79 23.79
N GLU B 56 16.17 -5.08 24.09
CA GLU B 56 15.77 -6.01 23.03
C GLU B 56 14.28 -5.87 22.74
N ILE B 57 13.96 -5.54 21.50
CA ILE B 57 12.62 -5.32 20.98
C ILE B 57 12.22 -6.56 20.21
N THR B 58 10.93 -6.90 20.24
CA THR B 58 10.44 -7.95 19.36
C THR B 58 9.27 -7.42 18.54
N ARG B 59 9.22 -7.82 17.28
CA ARG B 59 8.12 -7.48 16.38
C ARG B 59 7.67 -8.69 15.58
N GLU B 60 6.35 -8.86 15.45
CA GLU B 60 5.79 -9.92 14.61
C GLU B 60 5.69 -9.44 13.17
N ILE B 61 6.26 -10.19 12.24
CA ILE B 61 6.37 -9.73 10.85
C ILE B 61 5.83 -10.81 9.92
N PHE B 62 4.85 -10.44 9.11
CA PHE B 62 4.28 -11.29 8.07
C PHE B 62 5.22 -11.35 6.88
N GLU B 63 5.72 -12.56 6.58
CA GLU B 63 6.66 -12.83 5.50
C GLU B 63 5.93 -13.57 4.39
N ARG B 64 5.76 -12.91 3.24
CA ARG B 64 4.99 -13.46 2.13
C ARG B 64 5.67 -13.21 0.80
N GLY B 65 6.97 -12.97 0.81
CA GLY B 65 7.69 -12.65 -0.38
C GLY B 65 7.33 -11.29 -0.90
N HIS B 66 7.73 -11.07 -2.16
CA HIS B 66 7.66 -9.77 -2.80
C HIS B 66 7.01 -9.91 -4.15
N ALA B 67 6.50 -8.80 -4.68
CA ALA B 67 5.66 -8.88 -5.86
C ALA B 67 6.08 -7.91 -6.95
N ALA B 68 5.65 -8.26 -8.16
CA ALA B 68 5.76 -7.39 -9.33
C ALA B 68 4.35 -6.96 -9.73
N VAL B 69 4.21 -5.69 -10.09
CA VAL B 69 2.92 -5.09 -10.43
C VAL B 69 3.07 -4.41 -11.77
N LEU B 70 2.09 -4.60 -12.66
CA LEU B 70 2.14 -3.99 -14.00
C LEU B 70 0.90 -3.13 -14.19
N LEU B 71 1.11 -1.83 -14.49
CA LEU B 71 0.06 -0.96 -14.98
C LEU B 71 0.04 -1.08 -16.51
N PRO B 72 -0.97 -1.72 -17.09
CA PRO B 72 -1.01 -1.85 -18.55
C PRO B 72 -1.65 -0.63 -19.15
N PHE B 73 -0.85 0.16 -19.86
CA PHE B 73 -1.27 1.46 -20.37
C PHE B 73 -1.15 1.47 -21.89
N ASP B 74 -2.23 1.87 -22.56
CA ASP B 74 -2.23 2.04 -24.01
C ASP B 74 -2.03 3.52 -24.27
N PRO B 75 -0.84 3.95 -24.72
CA PRO B 75 -0.62 5.39 -24.87
C PRO B 75 -1.28 5.97 -26.10
N VAL B 76 -1.61 5.13 -27.09
CA VAL B 76 -2.30 5.60 -28.29
C VAL B 76 -3.75 5.95 -27.94
N ARG B 77 -4.42 5.06 -27.21
CA ARG B 77 -5.82 5.24 -26.88
CA ARG B 77 -5.82 5.25 -26.89
C ARG B 77 -6.05 5.93 -25.55
N ASP B 78 -5.00 6.12 -24.76
CA ASP B 78 -5.13 6.66 -23.40
C ASP B 78 -6.07 5.79 -22.58
N GLU B 79 -5.82 4.48 -22.60
CA GLU B 79 -6.64 3.50 -21.91
C GLU B 79 -5.79 2.70 -20.93
N VAL B 80 -6.45 2.20 -19.90
CA VAL B 80 -5.86 1.38 -18.85
CA VAL B 80 -5.81 1.34 -18.92
C VAL B 80 -6.59 0.04 -18.83
N VAL B 81 -5.86 -1.05 -18.66
CA VAL B 81 -6.44 -2.37 -18.46
C VAL B 81 -6.43 -2.69 -16.97
N LEU B 82 -7.60 -3.03 -16.46
CA LEU B 82 -7.78 -3.46 -15.07
C LEU B 82 -8.14 -4.94 -15.09
N VAL B 83 -7.86 -5.62 -13.98
CA VAL B 83 -8.29 -7.00 -13.81
C VAL B 83 -9.11 -7.09 -12.54
N GLU B 84 -10.21 -7.82 -12.63
CA GLU B 84 -11.13 -8.01 -11.52
C GLU B 84 -11.02 -9.45 -11.03
N GLN B 85 -10.90 -9.63 -9.71
CA GLN B 85 -10.86 -10.96 -9.11
C GLN B 85 -11.24 -10.81 -7.64
N ILE B 86 -11.68 -11.93 -7.06
CA ILE B 86 -12.02 -11.92 -5.64
C ILE B 86 -10.74 -11.88 -4.82
N ARG B 87 -10.76 -11.06 -3.76
CA ARG B 87 -9.72 -11.02 -2.72
C ARG B 87 -10.47 -11.15 -1.41
N ILE B 88 -10.46 -12.35 -0.84
CA ILE B 88 -11.36 -12.59 0.28
C ILE B 88 -10.95 -11.73 1.48
N ALA B 89 -9.67 -11.37 1.60
CA ALA B 89 -9.25 -10.51 2.72
C ALA B 89 -9.94 -9.16 2.70
N ALA B 90 -10.43 -8.71 1.54
CA ALA B 90 -11.17 -7.44 1.45
C ALA B 90 -12.57 -7.52 2.03
N TYR B 91 -13.08 -8.72 2.30
CA TYR B 91 -14.51 -8.89 2.57
C TYR B 91 -14.96 -8.03 3.75
N ASP B 92 -14.18 -8.01 4.83
CA ASP B 92 -14.69 -7.44 6.08
C ASP B 92 -14.80 -5.93 6.04
N THR B 93 -14.08 -5.23 5.16
CA THR B 93 -14.11 -3.77 5.18
C THR B 93 -14.58 -3.17 3.86
N SER B 94 -15.04 -3.98 2.92
CA SER B 94 -15.37 -3.55 1.56
C SER B 94 -16.81 -3.94 1.22
N GLU B 95 -17.37 -3.23 0.24
CA GLU B 95 -18.74 -3.54 -0.18
C GLU B 95 -18.79 -4.90 -0.86
N SER B 96 -17.73 -5.26 -1.57
CA SER B 96 -17.62 -6.54 -2.23
C SER B 96 -16.17 -6.96 -2.17
N PRO B 97 -15.91 -8.27 -2.04
CA PRO B 97 -14.53 -8.74 -2.09
C PRO B 97 -13.95 -8.83 -3.49
N TRP B 98 -14.73 -8.66 -4.55
CA TRP B 98 -14.15 -8.53 -5.88
C TRP B 98 -13.60 -7.13 -6.09
N LEU B 99 -12.31 -7.06 -6.47
CA LEU B 99 -11.58 -5.82 -6.59
C LEU B 99 -11.13 -5.61 -8.03
N LEU B 100 -11.01 -4.34 -8.41
CA LEU B 100 -10.38 -3.93 -9.66
C LEU B 100 -8.93 -3.59 -9.35
N GLU B 101 -8.00 -4.28 -10.01
CA GLU B 101 -6.60 -4.27 -9.63
C GLU B 101 -5.69 -4.20 -10.85
N MET B 102 -4.40 -4.04 -10.56
CA MET B 102 -3.35 -4.17 -11.54
C MET B 102 -2.96 -5.64 -11.69
N VAL B 103 -2.54 -6.01 -12.89
CA VAL B 103 -1.79 -7.23 -13.12
C VAL B 103 -0.65 -7.34 -12.09
N ALA B 104 -0.54 -8.47 -11.41
CA ALA B 104 0.49 -8.60 -10.37
C ALA B 104 0.71 -10.06 -10.02
N GLY B 105 1.92 -10.35 -9.56
CA GLY B 105 2.21 -11.67 -9.03
C GLY B 105 3.45 -11.68 -8.18
N MET B 106 3.62 -12.78 -7.46
CA MET B 106 4.78 -12.96 -6.61
CA MET B 106 4.78 -12.94 -6.61
C MET B 106 6.02 -13.24 -7.45
N ILE B 107 7.15 -12.75 -6.97
CA ILE B 107 8.45 -12.95 -7.61
C ILE B 107 9.12 -14.12 -6.92
N GLU B 108 9.40 -15.17 -7.68
CA GLU B 108 10.09 -16.34 -7.13
C GLU B 108 11.60 -16.21 -7.26
N ALA B 109 12.30 -17.16 -6.67
CA ALA B 109 13.77 -17.17 -6.70
C ALA B 109 14.30 -17.07 -8.12
N GLY B 110 15.20 -16.11 -8.34
CA GLY B 110 15.89 -16.01 -9.60
C GLY B 110 15.08 -15.41 -10.72
N GLU B 111 13.86 -14.93 -10.46
CA GLU B 111 13.08 -14.23 -11.46
C GLU B 111 13.30 -12.73 -11.32
N THR B 112 13.06 -12.02 -12.42
CA THR B 112 13.10 -10.57 -12.44
C THR B 112 11.71 -10.00 -12.27
N VAL B 113 11.67 -8.75 -11.81
CA VAL B 113 10.38 -8.05 -11.72
C VAL B 113 9.70 -8.03 -13.07
N GLU B 114 10.46 -7.75 -14.12
CA GLU B 114 9.87 -7.53 -15.43
C GLU B 114 9.41 -8.85 -16.04
N ASP B 115 10.13 -9.95 -15.81
CA ASP B 115 9.66 -11.24 -16.36
C ASP B 115 8.37 -11.67 -15.69
N VAL B 116 8.25 -11.48 -14.37
CA VAL B 116 6.99 -11.78 -13.69
C VAL B 116 5.86 -10.91 -14.26
N ALA B 117 6.10 -9.61 -14.40
CA ALA B 117 5.05 -8.74 -14.93
C ALA B 117 4.56 -9.23 -16.27
N ARG B 118 5.47 -9.60 -17.17
CA ARG B 118 5.05 -10.06 -18.49
C ARG B 118 4.30 -11.39 -18.42
N ARG B 119 4.78 -12.32 -17.60
CA ARG B 119 4.07 -13.61 -17.46
C ARG B 119 2.67 -13.38 -16.92
N GLU B 120 2.54 -12.52 -15.92
CA GLU B 120 1.22 -12.27 -15.35
C GLU B 120 0.32 -11.50 -16.32
N ALA B 121 0.88 -10.59 -17.13
CA ALA B 121 0.02 -9.88 -18.08
C ALA B 121 -0.58 -10.86 -19.08
N LEU B 122 0.19 -11.87 -19.48
CA LEU B 122 -0.33 -12.89 -20.37
C LEU B 122 -1.36 -13.76 -19.67
N GLU B 123 -1.05 -14.23 -18.46
CA GLU B 123 -1.91 -15.20 -17.78
C GLU B 123 -3.18 -14.55 -17.27
N GLU B 124 -3.09 -13.31 -16.83
CA GLU B 124 -4.20 -12.62 -16.17
C GLU B 124 -5.00 -11.73 -17.11
N ALA B 125 -4.43 -11.28 -18.23
CA ALA B 125 -5.18 -10.40 -19.12
C ALA B 125 -4.99 -10.72 -20.59
N GLY B 126 -4.26 -11.77 -20.91
CA GLY B 126 -4.06 -12.11 -22.31
C GLY B 126 -3.24 -11.09 -23.06
N LEU B 127 -2.39 -10.34 -22.37
CA LEU B 127 -1.73 -9.18 -22.95
C LEU B 127 -0.26 -9.44 -23.21
N GLU B 128 0.18 -9.08 -24.41
CA GLU B 128 1.58 -8.87 -24.67
C GLU B 128 1.96 -7.44 -24.30
N VAL B 129 3.15 -7.28 -23.76
CA VAL B 129 3.63 -5.99 -23.27
C VAL B 129 4.77 -5.55 -24.17
N GLY B 130 4.78 -4.27 -24.50
CA GLY B 130 5.88 -3.72 -25.29
C GLY B 130 6.93 -3.08 -24.40
N ARG B 131 7.11 -1.77 -24.54
CA ARG B 131 8.07 -1.06 -23.73
C ARG B 131 7.60 -1.02 -22.28
N THR B 132 8.56 -0.83 -21.36
CA THR B 132 8.22 -0.70 -19.96
C THR B 132 9.07 0.39 -19.31
N LYS B 133 8.51 0.96 -18.24
CA LYS B 133 9.21 1.93 -17.41
C LYS B 133 8.91 1.63 -15.96
N PRO B 134 9.87 1.80 -15.06
CA PRO B 134 9.55 1.66 -13.64
C PRO B 134 8.68 2.81 -13.18
N ILE B 135 7.72 2.50 -12.32
CA ILE B 135 6.97 3.53 -11.61
C ILE B 135 7.66 3.77 -10.26
N LEU B 136 7.44 2.85 -9.32
CA LEU B 136 7.92 2.97 -7.95
C LEU B 136 7.98 1.57 -7.38
N SER B 137 8.80 1.41 -6.36
CA SER B 137 8.81 0.19 -5.56
C SER B 137 8.50 0.58 -4.12
N TYR B 138 7.48 -0.04 -3.51
CA TYR B 138 7.02 0.41 -2.21
C TYR B 138 6.86 -0.75 -1.24
N LEU B 139 6.95 -0.42 0.05
CA LEU B 139 6.63 -1.34 1.13
C LEU B 139 5.14 -1.25 1.43
N ALA B 140 4.43 -2.38 1.34
CA ALA B 140 2.98 -2.35 1.48
C ALA B 140 2.52 -1.83 2.84
N SER B 141 3.17 -2.27 3.90
CA SER B 141 2.74 -1.93 5.25
C SER B 141 3.84 -2.33 6.21
N PRO B 142 4.90 -1.53 6.29
CA PRO B 142 6.15 -2.05 6.87
C PRO B 142 6.17 -2.14 8.38
N GLY B 143 5.10 -1.72 9.07
CA GLY B 143 5.06 -2.01 10.50
C GLY B 143 4.81 -3.46 10.80
N GLY B 144 4.26 -4.22 9.86
CA GLY B 144 3.85 -5.58 10.14
C GLY B 144 4.16 -6.61 9.06
N THR B 145 4.59 -6.18 7.89
CA THR B 145 4.96 -7.10 6.83
C THR B 145 6.19 -6.58 6.08
N SER B 146 7.00 -7.51 5.59
CA SER B 146 8.19 -7.16 4.84
C SER B 146 7.87 -6.89 3.37
N GLU B 147 6.62 -7.10 2.95
CA GLU B 147 6.32 -7.17 1.52
C GLU B 147 6.67 -5.87 0.81
N ARG B 148 7.43 -6.02 -0.27
CA ARG B 148 7.76 -4.93 -1.18
C ARG B 148 7.13 -5.26 -2.53
N LEU B 149 6.58 -4.26 -3.18
CA LEU B 149 5.98 -4.40 -4.51
C LEU B 149 6.64 -3.42 -5.46
N SER B 150 7.07 -3.92 -6.62
CA SER B 150 7.74 -3.11 -7.61
C SER B 150 6.80 -2.95 -8.80
N ILE B 151 6.37 -1.71 -9.05
CA ILE B 151 5.41 -1.39 -10.10
C ILE B 151 6.16 -0.95 -11.34
N LEU B 152 5.73 -1.46 -12.50
CA LEU B 152 6.14 -1.06 -13.84
C LEU B 152 4.91 -0.57 -14.59
N VAL B 153 5.07 0.38 -15.49
CA VAL B 153 4.05 0.67 -16.49
C VAL B 153 4.45 -0.03 -17.76
N GLY B 154 3.49 -0.71 -18.41
CA GLY B 154 3.78 -1.47 -19.60
C GLY B 154 2.90 -1.07 -20.75
N GLU B 155 3.53 -0.87 -21.91
CA GLU B 155 2.86 -0.47 -23.13
C GLU B 155 2.04 -1.63 -23.66
N VAL B 156 0.73 -1.41 -23.83
CA VAL B 156 -0.14 -2.44 -24.37
C VAL B 156 -1.04 -1.83 -25.42
N ASP B 157 -1.61 -2.71 -26.23
CA ASP B 157 -2.71 -2.38 -27.15
C ASP B 157 -3.98 -2.83 -26.43
N ALA B 158 -4.71 -1.86 -25.84
CA ALA B 158 -5.87 -2.22 -25.02
C ALA B 158 -6.99 -2.87 -25.82
N SER B 159 -7.00 -2.73 -27.14
CA SER B 159 -8.01 -3.42 -27.95
C SER B 159 -7.85 -4.93 -27.91
N THR B 160 -6.70 -5.42 -27.49
CA THR B 160 -6.48 -6.87 -27.39
C THR B 160 -6.78 -7.39 -25.99
N ALA B 161 -7.20 -6.52 -25.08
CA ALA B 161 -7.47 -6.88 -23.69
C ALA B 161 -8.96 -7.11 -23.50
N LYS B 162 -9.35 -8.36 -23.30
CA LYS B 162 -10.75 -8.66 -23.07
C LYS B 162 -10.87 -10.09 -22.59
N GLY B 163 -11.97 -10.36 -21.91
CA GLY B 163 -12.35 -11.71 -21.57
C GLY B 163 -11.95 -12.13 -20.19
N ILE B 164 -12.07 -13.44 -19.98
CA ILE B 164 -11.86 -14.11 -18.71
C ILE B 164 -10.55 -14.88 -18.78
N HIS B 165 -9.70 -14.66 -17.79
CA HIS B 165 -8.36 -15.20 -17.77
C HIS B 165 -8.09 -15.75 -16.37
N GLY B 166 -6.82 -15.90 -16.03
CA GLY B 166 -6.42 -16.56 -14.80
C GLY B 166 -6.21 -18.05 -15.00
N LEU B 167 -5.45 -18.65 -14.09
CA LEU B 167 -5.13 -20.08 -14.12
C LEU B 167 -6.11 -20.85 -13.26
N ALA B 168 -6.93 -21.70 -13.88
CA ALA B 168 -7.90 -22.49 -13.12
C ALA B 168 -7.23 -23.40 -12.10
N GLU B 169 -6.12 -24.03 -12.48
CA GLU B 169 -5.48 -24.98 -11.56
C GLU B 169 -4.97 -24.30 -10.30
N GLU B 170 -4.85 -22.97 -10.31
CA GLU B 170 -4.55 -22.20 -9.12
C GLU B 170 -5.78 -21.49 -8.56
N ASN B 171 -6.98 -21.85 -9.03
CA ASN B 171 -8.23 -21.24 -8.56
C ASN B 171 -8.23 -19.74 -8.80
N GLU B 172 -7.69 -19.33 -9.94
CA GLU B 172 -7.54 -17.93 -10.30
C GLU B 172 -8.53 -17.64 -11.41
N ASP B 173 -9.47 -16.72 -11.13
CA ASP B 173 -10.58 -16.41 -12.03
C ASP B 173 -10.62 -14.89 -12.15
N ILE B 174 -10.34 -14.38 -13.35
CA ILE B 174 -10.02 -12.97 -13.55
C ILE B 174 -10.80 -12.46 -14.75
N ARG B 175 -11.42 -11.29 -14.60
CA ARG B 175 -12.12 -10.61 -15.69
C ARG B 175 -11.39 -9.34 -16.07
N VAL B 176 -11.19 -9.15 -17.38
CA VAL B 176 -10.52 -7.94 -17.87
C VAL B 176 -11.55 -6.82 -18.06
N HIS B 177 -11.17 -5.62 -17.60
CA HIS B 177 -11.91 -4.39 -17.83
C HIS B 177 -11.00 -3.36 -18.46
N VAL B 178 -11.44 -2.73 -19.53
CA VAL B 178 -10.71 -1.63 -20.16
C VAL B 178 -11.48 -0.34 -19.93
N VAL B 179 -10.77 0.68 -19.45
CA VAL B 179 -11.33 1.99 -19.18
C VAL B 179 -10.38 3.04 -19.74
N SER B 180 -10.89 4.26 -19.91
CA SER B 180 -9.95 5.33 -20.18
C SER B 180 -9.16 5.67 -18.92
N ARG B 181 -7.99 6.29 -19.15
CA ARG B 181 -7.17 6.72 -18.01
C ARG B 181 -7.97 7.61 -17.07
N GLU B 182 -8.65 8.62 -17.60
CA GLU B 182 -9.40 9.54 -16.74
C GLU B 182 -10.48 8.79 -15.98
N GLN B 183 -11.14 7.85 -16.65
CA GLN B 183 -12.14 7.03 -15.98
C GLN B 183 -11.52 6.23 -14.82
N ALA B 184 -10.37 5.61 -15.06
CA ALA B 184 -9.72 4.85 -13.99
C ALA B 184 -9.39 5.74 -12.82
N TYR B 185 -8.89 6.94 -13.10
CA TYR B 185 -8.54 7.84 -12.01
C TYR B 185 -9.79 8.32 -11.28
N GLN B 186 -10.86 8.60 -12.02
CA GLN B 186 -12.12 8.91 -11.35
C GLN B 186 -12.52 7.78 -10.41
N TRP B 187 -12.32 6.52 -10.82
CA TRP B 187 -12.69 5.40 -9.94
C TRP B 187 -11.81 5.37 -8.68
N VAL B 188 -10.55 5.77 -8.78
CA VAL B 188 -9.74 5.96 -7.56
C VAL B 188 -10.34 7.04 -6.66
N GLU B 189 -10.64 8.20 -7.24
CA GLU B 189 -11.21 9.29 -6.45
C GLU B 189 -12.47 8.85 -5.74
N GLU B 190 -13.30 8.06 -6.40
CA GLU B 190 -14.58 7.64 -5.86
C GLU B 190 -14.49 6.48 -4.88
N GLY B 191 -13.32 5.87 -4.73
CA GLY B 191 -13.19 4.69 -3.89
C GLY B 191 -13.54 3.38 -4.56
N LYS B 192 -13.85 3.40 -5.85
CA LYS B 192 -14.16 2.18 -6.59
C LYS B 192 -12.92 1.32 -6.84
N ILE B 193 -11.75 1.94 -6.90
CA ILE B 193 -10.47 1.27 -6.92
C ILE B 193 -9.78 1.73 -5.65
N ASP B 194 -9.48 0.79 -4.75
CA ASP B 194 -8.95 1.20 -3.46
C ASP B 194 -7.98 0.16 -2.89
N ASN B 195 -7.15 -0.43 -3.74
CA ASN B 195 -6.05 -1.25 -3.29
C ASN B 195 -4.75 -0.50 -3.57
N ALA B 196 -3.77 -0.64 -2.68
CA ALA B 196 -2.61 0.24 -2.73
C ALA B 196 -1.93 0.22 -4.10
N ALA B 197 -1.70 -0.96 -4.66
CA ALA B 197 -0.94 -1.03 -5.90
C ALA B 197 -1.62 -0.23 -7.01
N SER B 198 -2.95 -0.33 -7.10
CA SER B 198 -3.67 0.35 -8.15
C SER B 198 -3.74 1.85 -7.88
N VAL B 199 -3.92 2.24 -6.61
CA VAL B 199 -3.98 3.65 -6.28
C VAL B 199 -2.65 4.32 -6.60
N ILE B 200 -1.55 3.68 -6.22
CA ILE B 200 -0.23 4.25 -6.46
C ILE B 200 0.02 4.35 -7.97
N ALA B 201 -0.28 3.28 -8.69
CA ALA B 201 -0.01 3.28 -10.12
C ALA B 201 -0.82 4.33 -10.83
N LEU B 202 -2.11 4.44 -10.49
CA LEU B 202 -2.96 5.38 -11.24
C LEU B 202 -2.74 6.84 -10.82
N GLN B 203 -2.41 7.11 -9.55
CA GLN B 203 -1.95 8.44 -9.21
C GLN B 203 -0.66 8.80 -9.95
N TRP B 204 0.29 7.85 -10.03
CA TRP B 204 1.50 8.10 -10.80
C TRP B 204 1.14 8.42 -12.24
N LEU B 205 0.22 7.65 -12.81
CA LEU B 205 -0.16 7.88 -14.21
C LEU B 205 -0.75 9.27 -14.39
N GLN B 206 -1.53 9.73 -13.43
CA GLN B 206 -2.15 11.02 -13.56
C GLN B 206 -1.11 12.13 -13.49
N LEU B 207 0.01 11.88 -12.78
CA LEU B 207 1.09 12.86 -12.69
C LEU B 207 2.07 12.80 -13.87
N HIS B 208 2.10 11.69 -14.62
CA HIS B 208 3.12 11.49 -15.65
C HIS B 208 2.60 11.20 -17.05
N TYR B 209 1.30 11.17 -17.28
CA TYR B 209 0.80 10.65 -18.56
C TYR B 209 1.19 11.53 -19.73
N HIS B 210 1.24 12.86 -19.56
CA HIS B 210 1.60 13.70 -20.70
C HIS B 210 2.97 13.31 -21.25
N ASN B 211 3.98 13.23 -20.39
CA ASN B 211 5.31 12.91 -20.88
C ASN B 211 5.39 11.46 -21.37
N LEU B 212 4.67 10.55 -20.71
CA LEU B 212 4.72 9.14 -21.11
C LEU B 212 4.09 8.94 -22.47
N ARG B 213 2.91 9.51 -22.69
CA ARG B 213 2.29 9.39 -24.01
C ARG B 213 3.19 9.99 -25.08
N ASN B 214 3.86 11.10 -24.77
CA ASN B 214 4.78 11.69 -25.75
CA ASN B 214 4.75 11.68 -25.77
C ASN B 214 5.94 10.75 -26.03
N GLU B 215 6.51 10.16 -24.99
CA GLU B 215 7.64 9.25 -25.18
C GLU B 215 7.25 8.04 -26.05
N TRP B 216 6.04 7.51 -25.85
CA TRP B 216 5.63 6.27 -26.48
C TRP B 216 4.81 6.48 -27.75
N THR B 217 4.59 7.72 -28.15
CA THR B 217 3.99 8.03 -29.43
C THR B 217 4.94 8.91 -30.23
N1 AR6 C . 4.66 -6.56 16.31
C2 AR6 C . 4.47 -6.33 17.61
N3 AR6 C . 4.10 -5.22 18.21
C4 AR6 C . 3.92 -4.25 17.30
C5 AR6 C . 4.07 -4.33 15.93
C6 AR6 C . 4.49 -5.57 15.42
N6 AR6 C . 4.70 -5.80 14.13
N7 AR6 C . 3.78 -3.12 15.35
C8 AR6 C . 3.46 -2.34 16.35
N9 AR6 C . 3.51 -2.98 17.56
PA AR6 C . 0.81 1.51 16.35
PB AR6 C . 1.71 1.35 13.68
C1' AR6 C . 3.26 -2.46 18.87
O1A AR6 C . -0.57 1.83 16.82
O1B AR6 C . 2.00 2.77 13.41
C1D AR6 C . 2.51 1.00 9.84
O1D AR6 C . 3.20 1.00 8.65
C2' AR6 C . 4.42 -1.58 19.32
O2' AR6 C . 4.57 -1.64 20.72
O2A AR6 C . 1.92 2.48 16.38
O2B AR6 C . 2.82 0.47 14.07
C2D AR6 C . 1.80 -0.35 10.01
O2D AR6 C . 2.15 -1.35 9.08
C3' AR6 C . 3.95 -0.21 18.85
O3' AR6 C . 4.62 0.83 19.53
O3A AR6 C . 0.64 1.10 14.83
C3D AR6 C . 0.31 -0.02 9.82
O3D AR6 C . -0.07 -0.14 8.47
C4' AR6 C . 2.47 -0.32 19.23
O4' AR6 C . 2.11 -1.66 18.83
C4D AR6 C . 0.24 1.44 10.24
O4D AR6 C . 1.50 2.02 9.86
C5' AR6 C . 1.54 0.65 18.57
O5' AR6 C . 1.35 0.27 17.18
C5D AR6 C . -0.02 1.67 11.71
O5D AR6 C . 0.86 0.78 12.46
MG MG D . 2.58 5.06 14.29
MG MG E . 1.87 5.95 17.52
N1 AR6 F . -3.07 -17.89 0.86
C2 AR6 F . -2.82 -19.01 0.17
N3 AR6 F . -2.48 -19.16 -1.11
C4 AR6 F . -2.41 -17.96 -1.71
C5 AR6 F . -2.63 -16.73 -1.14
C6 AR6 F . -2.98 -16.69 0.22
N6 AR6 F . -3.24 -15.57 0.86
N7 AR6 F . -2.46 -15.71 -2.07
C8 AR6 F . -2.13 -16.34 -3.17
N9 AR6 F . -2.10 -17.71 -3.03
PA AR6 F . 0.45 -14.51 -6.40
PB AR6 F . -1.45 -12.33 -6.42
C1' AR6 F . -1.79 -18.72 -4.05
O1A AR6 F . 0.87 -13.95 -5.08
O1B AR6 F . -1.89 -11.42 -7.53
C1D AR6 F . -2.08 -9.01 -3.95
O1D AR6 F . -2.56 -7.84 -3.36
C2' AR6 F . -2.98 -19.02 -4.97
O2' AR6 F . -2.81 -20.24 -5.68
O2A AR6 F . 1.51 -14.90 -7.39
O2B AR6 F . -2.42 -13.12 -5.62
C2D AR6 F . -1.13 -9.69 -2.96
O2D AR6 F . -1.29 -9.20 -1.64
C3' AR6 F . -2.85 -17.84 -5.93
O3' AR6 F . -3.65 -17.90 -7.10
O3A AR6 F . -0.42 -13.36 -7.08
C3D AR6 F . 0.27 -9.40 -3.49
O3D AR6 F . 0.79 -8.23 -2.86
C4' AR6 F . -1.36 -18.03 -6.23
O4' AR6 F . -0.78 -18.22 -4.91
C4D AR6 F . 0.06 -9.16 -4.99
O4D AR6 F . -1.31 -8.72 -5.15
C5' AR6 F . -0.61 -16.92 -6.96
O5' AR6 F . -0.56 -15.73 -6.13
C5D AR6 F . 0.29 -10.36 -5.88
O5D AR6 F . -0.57 -11.43 -5.41
MG MG G . -2.24 -11.62 -9.64
MG MG H . -1.50 -14.47 -11.50
#